data_3CM7
#
_entry.id   3CM7
#
_cell.length_a   92.390
_cell.length_b   92.390
_cell.length_c   175.151
_cell.angle_alpha   90.00
_cell.angle_beta   90.00
_cell.angle_gamma   90.00
#
_symmetry.space_group_name_H-M   'P 41 21 2'
#
loop_
_entity.id
_entity.type
_entity.pdbx_description
1 polymer 'Baculoviral IAP repeat-containing protein 4'
2 non-polymer 'ZINC ION'
3 non-polymer (3S,6S,7S,9aS)-6-{[(2S)-2-aminobutanoyl]amino}-N-(diphenylmethyl)-7-(hydroxymethyl)-5-oxooctahydro-1H-pyrrolo[1,2-a]azepine-3-carboxamide
4 water water
#
_entity_poly.entity_id   1
_entity_poly.type   'polypeptide(L)'
_entity_poly.pdbx_seq_one_letter_code
;MASMTGGQQMGRGSSDAVSSDRNFPNSTNLPRNPSMADYEARIFTFGTWIYSVNKEQLARAGFYALGEGDKVKCFHCGGG
LTDWKPSEDPWEQHAKWYPGCKYLLEQKGQEYINNIHLTHSLEECLVRTT
;
_entity_poly.pdbx_strand_id   C,A,B,D
#
# COMPACT_ATOMS: atom_id res chain seq x y z
N SER A 27 -3.14 7.99 -1.27
CA SER A 27 -2.92 6.96 -0.21
C SER A 27 -3.58 5.62 -0.61
N THR A 28 -4.86 5.68 -1.00
CA THR A 28 -5.63 4.48 -1.36
C THR A 28 -6.15 4.52 -2.82
N ASN A 29 -5.39 3.93 -3.74
CA ASN A 29 -4.06 3.40 -3.44
C ASN A 29 -3.10 3.65 -4.60
N LEU A 30 -2.36 4.77 -4.50
CA LEU A 30 -1.38 5.14 -5.53
C LEU A 30 0.04 5.03 -5.00
N PRO A 31 1.04 4.79 -5.89
CA PRO A 31 2.40 4.52 -5.46
C PRO A 31 3.03 5.71 -4.75
N ARG A 32 3.69 5.44 -3.63
CA ARG A 32 4.28 6.49 -2.83
C ARG A 32 5.37 7.24 -3.56
N ASN A 33 6.20 6.53 -4.31
CA ASN A 33 7.29 7.18 -5.03
C ASN A 33 7.23 6.93 -6.55
N PRO A 34 6.30 7.62 -7.24
CA PRO A 34 5.96 7.31 -8.63
C PRO A 34 7.12 7.37 -9.62
N SER A 35 8.18 8.08 -9.28
CA SER A 35 9.34 8.23 -10.18
C SER A 35 10.18 6.98 -10.13
N MET A 36 10.05 6.27 -9.00
CA MET A 36 10.69 4.98 -8.80
C MET A 36 9.78 3.82 -9.24
N ALA A 37 8.66 4.16 -9.87
CA ALA A 37 7.72 3.15 -10.35
C ALA A 37 8.34 2.32 -11.48
N ASP A 38 9.28 2.92 -12.19
CA ASP A 38 10.00 2.22 -13.23
C ASP A 38 10.95 1.20 -12.62
N TYR A 39 11.36 0.21 -13.41
CA TYR A 39 12.35 -0.76 -12.95
C TYR A 39 13.77 -0.25 -13.19
N GLU A 40 13.98 0.39 -14.34
CA GLU A 40 15.29 0.96 -14.66
C GLU A 40 15.61 2.07 -13.67
N ALA A 41 14.56 2.76 -13.23
CA ALA A 41 14.65 3.76 -12.19
C ALA A 41 15.34 3.22 -10.95
N ARG A 42 14.98 2.00 -10.58
CA ARG A 42 15.49 1.40 -9.36
C ARG A 42 16.89 0.81 -9.53
N ILE A 43 17.06 -0.02 -10.55
CA ILE A 43 18.31 -0.76 -10.73
C ILE A 43 19.50 0.21 -10.82
N PHE A 44 19.23 1.41 -11.32
CA PHE A 44 20.23 2.47 -11.39
C PHE A 44 20.73 2.92 -10.02
N THR A 45 19.81 3.09 -9.07
CA THR A 45 20.17 3.52 -7.71
C THR A 45 21.08 2.52 -6.99
N PHE A 46 21.14 1.30 -7.52
CA PHE A 46 22.04 0.26 -7.02
C PHE A 46 23.33 0.25 -7.84
N GLY A 47 23.66 1.41 -8.40
CA GLY A 47 24.85 1.55 -9.24
C GLY A 47 26.12 1.11 -8.54
N THR A 48 26.20 1.42 -7.25
CA THR A 48 27.39 1.10 -6.49
C THR A 48 27.05 0.19 -5.30
N TRP A 49 26.38 -0.94 -5.58
CA TRP A 49 25.85 -1.81 -4.52
C TRP A 49 26.92 -2.75 -3.97
N ILE A 50 27.31 -2.54 -2.71
CA ILE A 50 28.44 -3.27 -2.13
C ILE A 50 28.12 -4.56 -1.35
N TYR A 51 26.84 -4.76 -1.01
CA TYR A 51 26.41 -5.86 -0.13
C TYR A 51 26.03 -7.14 -0.87
N SER A 52 25.99 -8.24 -0.12
CA SER A 52 25.75 -9.57 -0.68
C SER A 52 24.42 -9.74 -1.43
N VAL A 53 23.32 -9.23 -0.87
CA VAL A 53 21.96 -9.36 -1.44
C VAL A 53 21.87 -8.76 -2.83
N ASN A 54 21.45 -9.55 -3.80
CA ASN A 54 21.52 -9.18 -5.22
C ASN A 54 20.59 -8.05 -5.70
N LYS A 55 21.20 -7.06 -6.34
CA LYS A 55 20.51 -5.86 -6.84
C LYS A 55 19.33 -6.12 -7.80
N GLU A 56 19.50 -7.02 -8.76
CA GLU A 56 18.44 -7.31 -9.72
C GLU A 56 17.20 -7.86 -9.01
N GLN A 57 17.42 -8.57 -7.90
CA GLN A 57 16.34 -9.17 -7.12
C GLN A 57 15.57 -8.12 -6.33
N LEU A 58 16.30 -7.28 -5.61
CA LEU A 58 15.72 -6.17 -4.88
C LEU A 58 14.92 -5.28 -5.81
N ALA A 59 15.53 -4.94 -6.94
CA ALA A 59 14.89 -4.10 -7.94
C ALA A 59 13.60 -4.71 -8.46
N ARG A 60 13.64 -6.02 -8.75
CA ARG A 60 12.46 -6.73 -9.22
C ARG A 60 11.38 -6.80 -8.15
N ALA A 61 11.79 -6.76 -6.89
CA ALA A 61 10.85 -6.78 -5.78
C ALA A 61 10.30 -5.38 -5.44
N GLY A 62 10.75 -4.37 -6.18
CA GLY A 62 10.21 -3.02 -6.06
C GLY A 62 11.00 -2.04 -5.20
N PHE A 63 12.22 -2.41 -4.84
CA PHE A 63 13.07 -1.61 -3.95
C PHE A 63 14.14 -0.82 -4.72
N TYR A 64 14.40 0.41 -4.28
CA TYR A 64 15.54 1.20 -4.76
C TYR A 64 16.47 1.49 -3.57
N ALA A 65 17.75 1.74 -3.86
CA ALA A 65 18.71 2.05 -2.79
C ALA A 65 18.51 3.46 -2.26
N LEU A 66 18.75 3.65 -0.98
CA LEU A 66 18.54 4.97 -0.37
C LEU A 66 19.85 5.67 -0.03
N GLY A 67 20.97 5.03 -0.33
CA GLY A 67 22.28 5.62 -0.18
C GLY A 67 22.72 5.80 1.25
N GLU A 68 22.16 5.01 2.16
CA GLU A 68 22.75 4.91 3.48
C GLU A 68 22.60 3.48 3.97
N GLY A 69 23.72 2.90 4.40
CA GLY A 69 23.77 1.48 4.74
C GLY A 69 23.23 0.66 3.60
N ASP A 70 22.63 -0.48 3.92
CA ASP A 70 22.00 -1.30 2.91
C ASP A 70 20.50 -0.98 2.83
N LYS A 71 20.13 0.18 3.37
CA LYS A 71 18.72 0.55 3.46
C LYS A 71 18.08 0.75 2.09
N VAL A 72 16.96 0.06 1.89
CA VAL A 72 16.16 0.18 0.68
C VAL A 72 14.74 0.58 1.04
N LYS A 73 13.91 0.79 0.01
CA LYS A 73 12.54 1.22 0.23
C LYS A 73 11.66 0.85 -0.99
N CYS A 74 10.47 0.30 -0.74
CA CYS A 74 9.54 -0.04 -1.82
C CYS A 74 8.90 1.22 -2.39
N PHE A 75 8.89 1.31 -3.71
CA PHE A 75 8.32 2.47 -4.38
C PHE A 75 6.81 2.58 -4.17
N HIS A 76 6.13 1.44 -3.96
CA HIS A 76 4.67 1.47 -3.91
C HIS A 76 4.08 1.67 -2.52
N CYS A 77 4.44 0.80 -1.57
CA CYS A 77 3.91 0.94 -0.22
C CYS A 77 4.70 1.97 0.59
N GLY A 78 5.95 2.19 0.20
CA GLY A 78 6.82 3.16 0.86
C GLY A 78 7.59 2.61 2.05
N GLY A 79 7.56 1.29 2.23
CA GLY A 79 8.20 0.65 3.37
C GLY A 79 9.69 0.42 3.16
N GLY A 80 10.44 0.49 4.25
CA GLY A 80 11.90 0.34 4.19
C GLY A 80 12.42 -0.85 4.96
N LEU A 81 13.57 -1.36 4.53
CA LEU A 81 14.19 -2.53 5.13
C LEU A 81 15.71 -2.34 5.30
N THR A 82 16.29 -2.95 6.35
CA THR A 82 17.72 -2.86 6.63
C THR A 82 18.31 -4.16 7.13
N ASP A 83 19.63 -4.26 7.01
CA ASP A 83 20.41 -5.35 7.60
C ASP A 83 20.10 -6.70 7.00
N TRP A 84 20.10 -6.74 5.68
CA TRP A 84 19.97 -7.97 4.91
C TRP A 84 21.04 -8.96 5.35
N LYS A 85 20.61 -10.03 6.00
CA LYS A 85 21.49 -11.15 6.34
C LYS A 85 21.80 -11.92 5.06
N PRO A 86 22.96 -12.61 5.01
CA PRO A 86 23.47 -13.45 3.94
C PRO A 86 22.44 -13.95 2.94
N SER A 87 21.64 -14.95 3.31
CA SER A 87 20.79 -15.62 2.31
C SER A 87 19.31 -15.32 2.43
N GLU A 88 18.96 -14.04 2.57
CA GLU A 88 17.56 -13.64 2.67
C GLU A 88 17.05 -13.21 1.30
N ASP A 89 15.74 -13.18 1.15
CA ASP A 89 15.10 -13.01 -0.16
C ASP A 89 14.18 -11.79 -0.21
N PRO A 90 14.45 -10.86 -1.15
CA PRO A 90 13.71 -9.60 -1.26
C PRO A 90 12.19 -9.78 -1.18
N TRP A 91 11.63 -10.63 -2.06
CA TRP A 91 10.19 -10.82 -2.07
C TRP A 91 9.67 -11.23 -0.70
N GLU A 92 10.25 -12.30 -0.18
CA GLU A 92 9.90 -12.83 1.12
C GLU A 92 9.82 -11.75 2.17
N GLN A 93 10.92 -11.00 2.33
CA GLN A 93 10.95 -9.94 3.31
C GLN A 93 9.94 -8.83 3.04
N HIS A 94 9.72 -8.50 1.76
CA HIS A 94 8.71 -7.51 1.37
C HIS A 94 7.37 -7.95 1.93
N ALA A 95 7.09 -9.25 1.82
CA ALA A 95 5.80 -9.79 2.22
C ALA A 95 5.67 -9.93 3.72
N LYS A 96 6.78 -10.22 4.38
CA LYS A 96 6.81 -10.38 5.84
C LYS A 96 6.47 -9.07 6.57
N TRP A 97 7.16 -8.01 6.19
CA TRP A 97 7.05 -6.76 6.90
C TRP A 97 5.97 -5.86 6.31
N TYR A 98 5.77 -5.89 4.99
CA TYR A 98 4.79 -5.02 4.34
C TYR A 98 3.75 -5.78 3.51
N PRO A 99 2.98 -6.68 4.17
CA PRO A 99 1.95 -7.46 3.48
C PRO A 99 0.81 -6.64 2.90
N GLY A 100 0.56 -5.44 3.43
CA GLY A 100 -0.49 -4.57 2.90
C GLY A 100 -0.24 -4.05 1.49
N CYS A 101 1.03 -4.05 1.08
CA CYS A 101 1.48 -3.48 -0.19
C CYS A 101 0.67 -3.99 -1.38
N LYS A 102 0.31 -3.08 -2.28
CA LYS A 102 -0.53 -3.44 -3.42
C LYS A 102 0.25 -3.78 -4.70
N TYR A 103 1.56 -3.61 -4.67
CA TYR A 103 2.40 -4.06 -5.76
C TYR A 103 2.71 -5.54 -5.53
N LEU A 104 3.06 -5.85 -4.28
CA LEU A 104 3.32 -7.20 -3.83
C LEU A 104 2.09 -8.05 -4.12
N LEU A 105 0.92 -7.54 -3.74
CA LEU A 105 -0.31 -8.26 -3.95
C LEU A 105 -0.49 -8.58 -5.43
N GLU A 106 -0.05 -7.66 -6.28
CA GLU A 106 -0.18 -7.85 -7.72
C GLU A 106 0.81 -8.86 -8.27
N GLN A 107 2.05 -8.80 -7.80
CA GLN A 107 3.08 -9.65 -8.38
C GLN A 107 3.09 -11.06 -7.82
N LYS A 108 2.75 -11.23 -6.55
CA LYS A 108 2.93 -12.53 -5.90
C LYS A 108 1.62 -13.16 -5.46
N GLY A 109 0.59 -12.34 -5.32
CA GLY A 109 -0.74 -12.83 -4.96
C GLY A 109 -0.94 -13.08 -3.49
N GLN A 110 -2.19 -12.87 -3.06
CA GLN A 110 -2.59 -12.99 -1.66
C GLN A 110 -2.10 -14.27 -0.99
N GLU A 111 -2.19 -15.38 -1.70
CA GLU A 111 -1.84 -16.68 -1.14
C GLU A 111 -0.36 -16.81 -0.81
N TYR A 112 0.48 -16.12 -1.59
CA TYR A 112 1.90 -16.05 -1.30
C TYR A 112 2.11 -15.29 -0.01
N ILE A 113 1.42 -14.16 0.14
CA ILE A 113 1.48 -13.36 1.35
C ILE A 113 1.01 -14.16 2.55
N ASN A 114 -0.13 -14.84 2.40
CA ASN A 114 -0.58 -15.80 3.39
C ASN A 114 0.50 -16.82 3.74
N ASN A 115 1.23 -17.28 2.73
CA ASN A 115 2.12 -18.42 2.88
C ASN A 115 3.54 -17.99 3.24
N ILE A 116 3.65 -16.83 3.88
CA ILE A 116 4.94 -16.35 4.39
C ILE A 116 4.88 -16.14 5.90
N HIS A 117 3.67 -16.22 6.46
CA HIS A 117 3.35 -15.55 7.72
C HIS A 117 2.80 -16.52 8.75
N LEU A 118 1.88 -17.39 8.32
CA LEU A 118 2.19 -18.78 8.09
C LEU A 118 3.63 -19.08 7.66
N THR A 119 4.28 -19.99 8.37
CA THR A 119 5.60 -20.47 7.98
C THR A 119 6.60 -19.45 8.50
N HIS A 120 6.11 -18.49 9.29
CA HIS A 120 6.94 -17.77 10.24
C HIS A 120 6.35 -17.82 11.65
N SER A 121 5.02 -17.85 11.72
CA SER A 121 4.33 -18.15 12.97
C SER A 121 4.60 -19.58 13.43
N LEU A 122 4.58 -20.50 12.48
CA LEU A 122 4.74 -21.92 12.79
C LEU A 122 6.08 -22.20 13.45
N GLU A 123 7.12 -21.53 12.96
CA GLU A 123 8.47 -21.70 13.51
C GLU A 123 8.57 -21.10 14.92
N GLU A 124 8.12 -19.86 15.06
CA GLU A 124 8.14 -19.19 16.36
C GLU A 124 7.35 -19.98 17.40
N CYS A 125 6.30 -20.66 16.94
CA CYS A 125 5.48 -21.49 17.83
C CYS A 125 6.26 -22.72 18.29
N LEU A 126 7.05 -23.30 17.38
CA LEU A 126 7.69 -24.58 17.62
C LEU A 126 8.97 -24.42 18.40
N VAL A 127 9.41 -23.18 18.56
CA VAL A 127 10.62 -22.88 19.35
C VAL A 127 10.25 -22.45 20.79
N ARG A 128 9.05 -22.84 21.24
CA ARG A 128 8.38 -22.35 22.46
C ARG A 128 7.99 -20.87 22.36
N THR B 28 10.27 -4.47 -24.72
CA THR B 28 9.12 -5.31 -24.27
C THR B 28 9.13 -5.55 -22.76
N ASN B 29 7.93 -5.73 -22.20
CA ASN B 29 7.74 -6.00 -20.77
C ASN B 29 8.28 -4.94 -19.84
N LEU B 30 8.44 -3.73 -20.35
CA LEU B 30 8.77 -2.60 -19.50
C LEU B 30 7.86 -1.42 -19.84
N PRO B 31 6.75 -1.31 -19.10
CA PRO B 31 5.72 -0.32 -19.43
C PRO B 31 6.28 1.09 -19.48
N ARG B 32 6.01 1.81 -20.56
CA ARG B 32 6.70 3.07 -20.83
C ARG B 32 6.33 4.13 -19.80
N ASN B 33 5.33 3.83 -18.98
CA ASN B 33 4.86 4.78 -17.96
C ASN B 33 4.38 4.07 -16.71
N PRO B 34 5.27 3.32 -16.08
CA PRO B 34 4.88 2.40 -15.00
C PRO B 34 4.07 3.09 -13.91
N SER B 35 4.16 4.40 -13.85
CA SER B 35 3.37 5.21 -12.92
C SER B 35 1.87 5.14 -13.21
N MET B 36 1.50 4.27 -14.16
CA MET B 36 0.09 4.08 -14.51
C MET B 36 -0.24 2.59 -14.65
N ALA B 37 0.57 1.75 -14.01
CA ALA B 37 0.37 0.29 -13.99
C ALA B 37 -0.82 -0.12 -13.12
N ASP B 38 -1.26 0.80 -12.24
CA ASP B 38 -2.46 0.62 -11.45
C ASP B 38 -3.73 0.98 -12.22
N TYR B 39 -4.75 0.13 -12.11
CA TYR B 39 -6.08 0.46 -12.59
C TYR B 39 -6.61 1.65 -11.81
N GLU B 40 -6.36 1.61 -10.50
CA GLU B 40 -6.75 2.66 -9.58
C GLU B 40 -6.20 4.02 -10.02
N ALA B 41 -4.95 4.01 -10.49
CA ALA B 41 -4.26 5.22 -10.96
C ALA B 41 -4.96 5.88 -12.13
N ARG B 42 -5.22 5.10 -13.18
CA ARG B 42 -5.79 5.62 -14.42
C ARG B 42 -7.25 6.06 -14.25
N ILE B 43 -8.01 5.35 -13.41
CA ILE B 43 -9.42 5.64 -13.22
C ILE B 43 -9.63 7.03 -12.62
N PHE B 44 -8.65 7.47 -11.82
CA PHE B 44 -8.68 8.79 -11.22
C PHE B 44 -8.47 9.90 -12.27
N THR B 45 -7.77 9.59 -13.36
CA THR B 45 -7.49 10.58 -14.41
C THR B 45 -8.72 10.95 -15.25
N PHE B 46 -9.90 10.62 -14.72
CA PHE B 46 -11.16 10.98 -15.37
C PHE B 46 -12.01 11.86 -14.44
N GLY B 47 -11.65 13.15 -14.38
CA GLY B 47 -12.43 14.15 -13.68
C GLY B 47 -13.67 14.46 -14.50
N THR B 48 -13.72 15.67 -15.07
CA THR B 48 -14.85 16.09 -15.94
C THR B 48 -14.80 15.31 -17.26
N TRP B 49 -14.92 13.98 -17.20
CA TRP B 49 -14.98 13.17 -18.40
C TRP B 49 -16.33 13.35 -19.09
N ILE B 50 -16.44 14.36 -19.96
CA ILE B 50 -17.72 14.71 -20.58
C ILE B 50 -18.15 13.74 -21.69
N TYR B 51 -17.25 12.84 -22.08
CA TYR B 51 -17.48 11.97 -23.23
C TYR B 51 -18.22 10.69 -22.87
N SER B 52 -19.05 10.22 -23.81
CA SER B 52 -19.86 9.03 -23.60
C SER B 52 -19.22 7.79 -24.23
N VAL B 53 -18.05 7.44 -23.72
CA VAL B 53 -17.39 6.17 -24.00
C VAL B 53 -16.83 5.72 -22.66
N ASN B 54 -17.44 4.68 -22.11
CA ASN B 54 -17.23 4.27 -20.72
C ASN B 54 -15.80 4.43 -20.20
N LYS B 55 -15.68 5.26 -19.16
CA LYS B 55 -14.39 5.48 -18.50
C LYS B 55 -13.86 4.25 -17.79
N GLU B 56 -14.73 3.53 -17.07
CA GLU B 56 -14.34 2.31 -16.37
C GLU B 56 -13.75 1.25 -17.30
N GLN B 57 -14.23 1.25 -18.55
CA GLN B 57 -13.76 0.32 -19.59
C GLN B 57 -12.38 0.68 -20.14
N LEU B 58 -12.22 1.95 -20.52
CA LEU B 58 -10.93 2.48 -20.97
C LEU B 58 -9.84 2.15 -19.97
N ALA B 59 -10.16 2.35 -18.70
CA ALA B 59 -9.25 2.06 -17.59
C ALA B 59 -8.79 0.60 -17.59
N ARG B 60 -9.73 -0.35 -17.65
CA ARG B 60 -9.41 -1.77 -17.71
C ARG B 60 -8.53 -2.11 -18.90
N ALA B 61 -8.81 -1.47 -20.03
CA ALA B 61 -8.07 -1.69 -21.28
C ALA B 61 -6.66 -1.10 -21.22
N GLY B 62 -6.38 -0.39 -20.13
CA GLY B 62 -5.05 0.13 -19.84
C GLY B 62 -4.80 1.56 -20.30
N PHE B 63 -5.86 2.36 -20.34
CA PHE B 63 -5.75 3.75 -20.79
C PHE B 63 -5.93 4.76 -19.65
N TYR B 64 -5.20 5.85 -19.74
CA TYR B 64 -5.41 7.01 -18.87
C TYR B 64 -5.64 8.24 -19.75
N ALA B 65 -6.40 9.20 -19.25
CA ALA B 65 -6.75 10.41 -20.01
C ALA B 65 -5.63 11.46 -19.96
N LEU B 66 -5.50 12.24 -21.03
CA LEU B 66 -4.41 13.22 -21.15
C LEU B 66 -4.88 14.67 -21.09
N GLY B 67 -5.91 14.93 -20.29
CA GLY B 67 -6.40 16.29 -20.06
C GLY B 67 -6.64 17.17 -21.29
N GLU B 68 -6.60 16.57 -22.47
CA GLU B 68 -6.92 17.30 -23.70
C GLU B 68 -7.77 16.44 -24.63
N GLY B 69 -8.70 17.08 -25.34
CA GLY B 69 -9.71 16.40 -26.15
C GLY B 69 -10.36 15.22 -25.44
N ASP B 70 -10.62 14.15 -26.19
CA ASP B 70 -10.97 12.85 -25.60
C ASP B 70 -9.76 11.93 -25.60
N LYS B 71 -8.59 12.50 -25.88
CA LYS B 71 -7.34 11.76 -26.09
C LYS B 71 -6.97 10.94 -24.86
N VAL B 72 -6.69 9.66 -25.10
CA VAL B 72 -6.15 8.76 -24.08
C VAL B 72 -4.92 8.04 -24.63
N LYS B 73 -4.17 7.43 -23.73
CA LYS B 73 -2.94 6.77 -24.09
C LYS B 73 -2.75 5.54 -23.22
N CYS B 74 -2.23 4.46 -23.81
CA CYS B 74 -2.03 3.22 -23.09
C CYS B 74 -0.84 3.31 -22.13
N PHE B 75 -0.98 2.68 -20.96
CA PHE B 75 0.07 2.73 -19.96
C PHE B 75 1.27 1.88 -20.34
N HIS B 76 1.10 0.96 -21.27
CA HIS B 76 2.14 -0.03 -21.56
C HIS B 76 2.82 0.16 -22.89
N CYS B 77 2.05 0.17 -23.98
CA CYS B 77 2.62 0.43 -25.30
C CYS B 77 2.86 1.91 -25.53
N GLY B 78 2.16 2.74 -24.80
CA GLY B 78 2.16 4.18 -25.06
C GLY B 78 1.33 4.55 -26.26
N GLY B 79 0.44 3.65 -26.68
CA GLY B 79 -0.42 3.89 -27.84
C GLY B 79 -1.44 4.98 -27.56
N GLY B 80 -1.73 5.81 -28.55
CA GLY B 80 -2.62 6.95 -28.38
C GLY B 80 -3.84 6.94 -29.27
N LEU B 81 -5.00 7.27 -28.67
CA LEU B 81 -6.29 7.27 -29.37
C LEU B 81 -7.13 8.53 -29.13
N THR B 82 -7.61 9.13 -30.21
CA THR B 82 -8.56 10.25 -30.15
C THR B 82 -9.81 9.76 -30.84
N ASP B 83 -10.87 10.56 -30.81
CA ASP B 83 -12.08 10.40 -31.65
C ASP B 83 -12.91 9.17 -31.33
N TRP B 84 -13.07 8.86 -30.06
CA TRP B 84 -13.98 7.83 -29.62
C TRP B 84 -15.39 8.07 -30.17
N LYS B 85 -15.86 7.09 -30.96
CA LYS B 85 -17.22 7.06 -31.44
C LYS B 85 -18.04 6.10 -30.55
N PRO B 86 -19.39 6.21 -30.57
CA PRO B 86 -20.19 5.55 -29.51
C PRO B 86 -20.17 4.02 -29.58
N SER B 87 -20.02 3.48 -30.79
CA SER B 87 -20.03 2.04 -30.98
C SER B 87 -18.73 1.35 -30.58
N GLU B 88 -17.64 2.11 -30.51
CA GLU B 88 -16.28 1.54 -30.46
C GLU B 88 -15.86 1.04 -29.07
N ASP B 89 -15.28 -0.15 -29.05
CA ASP B 89 -14.86 -0.80 -27.79
C ASP B 89 -13.33 -0.72 -27.56
N PRO B 90 -12.91 -0.12 -26.43
CA PRO B 90 -11.52 0.02 -26.03
C PRO B 90 -10.62 -1.10 -26.51
N TRP B 91 -10.89 -2.34 -26.06
CA TRP B 91 -10.07 -3.49 -26.45
C TRP B 91 -9.95 -3.67 -27.96
N GLU B 92 -11.06 -3.59 -28.68
CA GLU B 92 -11.04 -3.76 -30.12
C GLU B 92 -10.09 -2.74 -30.72
N GLN B 93 -10.22 -1.50 -30.27
CA GLN B 93 -9.41 -0.40 -30.78
C GLN B 93 -7.93 -0.56 -30.37
N HIS B 94 -7.71 -0.91 -29.11
CA HIS B 94 -6.38 -1.19 -28.60
C HIS B 94 -5.67 -2.17 -29.52
N ALA B 95 -6.40 -3.17 -30.00
CA ALA B 95 -5.86 -4.19 -30.86
C ALA B 95 -5.72 -3.73 -32.29
N LYS B 96 -6.72 -3.01 -32.78
CA LYS B 96 -6.75 -2.57 -34.16
C LYS B 96 -5.53 -1.74 -34.49
N TRP B 97 -5.15 -0.88 -33.55
CA TRP B 97 -4.12 0.14 -33.77
C TRP B 97 -2.73 -0.21 -33.26
N TYR B 98 -2.66 -0.76 -32.05
CA TYR B 98 -1.40 -1.13 -31.43
C TYR B 98 -1.38 -2.61 -31.00
N PRO B 99 -1.41 -3.54 -31.98
CA PRO B 99 -1.53 -4.95 -31.66
C PRO B 99 -0.38 -5.49 -30.81
N GLY B 100 0.72 -4.76 -30.75
CA GLY B 100 1.93 -5.20 -30.06
C GLY B 100 1.93 -5.10 -28.55
N CYS B 101 1.10 -4.21 -28.00
CA CYS B 101 1.03 -3.99 -26.56
C CYS B 101 1.14 -5.32 -25.83
N LYS B 102 2.21 -5.51 -25.06
CA LYS B 102 2.34 -6.74 -24.28
C LYS B 102 1.14 -6.86 -23.33
N TYR B 103 0.81 -5.76 -22.67
CA TYR B 103 -0.35 -5.72 -21.80
C TYR B 103 -1.61 -6.25 -22.52
N LEU B 104 -1.76 -5.89 -23.80
CA LEU B 104 -2.89 -6.39 -24.58
C LEU B 104 -2.94 -7.91 -24.60
N LEU B 105 -1.85 -8.57 -24.99
CA LEU B 105 -1.88 -10.03 -25.02
C LEU B 105 -1.77 -10.64 -23.62
N GLU B 106 -1.31 -9.86 -22.66
CA GLU B 106 -1.44 -10.24 -21.26
C GLU B 106 -2.91 -10.47 -20.95
N GLN B 107 -3.75 -9.51 -21.32
CA GLN B 107 -5.15 -9.50 -20.93
C GLN B 107 -6.10 -10.22 -21.89
N LYS B 108 -5.72 -10.35 -23.15
CA LYS B 108 -6.67 -10.86 -24.16
C LYS B 108 -6.18 -12.03 -24.99
N GLY B 109 -4.86 -12.13 -25.18
CA GLY B 109 -4.26 -13.30 -25.81
C GLY B 109 -4.12 -13.20 -27.32
N GLN B 110 -3.23 -14.00 -27.88
CA GLN B 110 -2.88 -13.88 -29.30
C GLN B 110 -4.05 -14.13 -30.24
N GLU B 111 -4.91 -15.07 -29.87
CA GLU B 111 -6.05 -15.34 -30.71
C GLU B 111 -6.99 -14.14 -30.80
N TYR B 112 -7.27 -13.49 -29.66
CA TYR B 112 -8.14 -12.30 -29.69
C TYR B 112 -7.63 -11.23 -30.66
N ILE B 113 -6.34 -10.92 -30.54
CA ILE B 113 -5.71 -9.82 -31.27
C ILE B 113 -5.75 -10.07 -32.76
N ASN B 114 -5.33 -11.25 -33.17
CA ASN B 114 -5.35 -11.61 -34.57
C ASN B 114 -6.76 -11.60 -35.15
N ASN B 115 -7.74 -11.98 -34.33
CA ASN B 115 -9.13 -12.00 -34.75
C ASN B 115 -9.58 -10.61 -35.18
N ILE B 116 -9.30 -9.59 -34.37
CA ILE B 116 -9.67 -8.22 -34.74
C ILE B 116 -9.11 -7.91 -36.12
N HIS B 117 -7.82 -8.17 -36.32
CA HIS B 117 -7.19 -7.88 -37.60
C HIS B 117 -7.75 -8.69 -38.74
N LEU B 118 -8.10 -9.95 -38.46
CA LEU B 118 -8.75 -10.77 -39.46
C LEU B 118 -10.13 -10.23 -39.81
N THR B 119 -10.92 -9.84 -38.81
CA THR B 119 -12.23 -9.27 -39.05
C THR B 119 -12.15 -8.11 -40.05
N HIS B 120 -11.30 -7.13 -39.77
CA HIS B 120 -11.14 -5.98 -40.66
C HIS B 120 -10.64 -6.39 -42.04
N SER B 121 -9.73 -7.36 -42.09
CA SER B 121 -9.26 -7.88 -43.37
C SER B 121 -10.42 -8.45 -44.17
N LEU B 122 -11.28 -9.20 -43.49
CA LEU B 122 -12.38 -9.92 -44.12
C LEU B 122 -13.42 -8.97 -44.66
N GLU B 123 -13.78 -7.97 -43.87
CA GLU B 123 -14.86 -7.08 -44.23
C GLU B 123 -14.44 -6.17 -45.38
N GLU B 124 -13.18 -5.73 -45.34
CA GLU B 124 -12.64 -4.90 -46.41
C GLU B 124 -12.65 -5.69 -47.70
N CYS B 125 -12.52 -7.01 -47.57
CA CYS B 125 -12.61 -7.92 -48.70
C CYS B 125 -14.06 -8.14 -49.12
N LEU B 126 -14.96 -8.12 -48.15
CA LEU B 126 -16.36 -8.46 -48.39
C LEU B 126 -17.13 -7.30 -49.05
N VAL B 127 -16.90 -6.07 -48.59
CA VAL B 127 -17.48 -4.89 -49.24
C VAL B 127 -16.94 -4.76 -50.67
N ARG B 128 -15.66 -5.10 -50.83
CA ARG B 128 -14.97 -5.27 -52.13
C ARG B 128 -13.47 -5.46 -51.93
N ASN C 29 -1.30 24.94 29.32
CA ASN C 29 -1.81 24.36 28.04
C ASN C 29 -0.75 24.21 26.95
N LEU C 30 -1.19 23.91 25.73
CA LEU C 30 -0.26 23.49 24.69
C LEU C 30 -0.54 24.00 23.26
N PRO C 31 -0.18 25.28 22.97
CA PRO C 31 0.45 25.68 21.70
C PRO C 31 1.95 25.87 21.98
N ARG C 32 2.72 26.47 21.06
CA ARG C 32 4.12 26.84 21.39
C ARG C 32 4.71 28.03 20.61
N ASN C 33 4.79 27.93 19.29
CA ASN C 33 5.26 29.06 18.49
C ASN C 33 4.27 29.42 17.37
N PRO C 34 3.22 30.21 17.72
CA PRO C 34 2.13 30.46 16.76
C PRO C 34 2.51 31.24 15.50
N SER C 35 3.73 31.76 15.43
CA SER C 35 4.19 32.53 14.25
C SER C 35 4.53 31.63 13.08
N MET C 36 4.86 30.37 13.37
CA MET C 36 5.15 29.38 12.34
C MET C 36 4.09 28.29 12.33
N ALA C 37 2.91 28.61 12.87
CA ALA C 37 1.83 27.65 13.01
C ALA C 37 1.10 27.36 11.70
N ASP C 38 1.72 27.70 10.57
CA ASP C 38 1.12 27.45 9.26
C ASP C 38 2.10 27.23 8.11
N TYR C 39 1.73 26.28 7.26
CA TYR C 39 2.55 25.71 6.17
C TYR C 39 3.41 26.73 5.42
N GLU C 40 2.74 27.74 4.87
CA GLU C 40 3.32 28.78 4.02
C GLU C 40 4.54 29.47 4.64
N ALA C 41 4.42 29.85 5.91
CA ALA C 41 5.52 30.43 6.66
C ALA C 41 6.66 29.42 6.83
N ARG C 42 6.28 28.18 7.08
CA ARG C 42 7.23 27.11 7.31
C ARG C 42 8.07 26.81 6.07
N ILE C 43 7.40 26.59 4.93
CA ILE C 43 8.07 26.27 3.66
C ILE C 43 8.96 27.42 3.13
N PHE C 44 8.59 28.64 3.47
CA PHE C 44 9.36 29.83 3.08
C PHE C 44 10.81 29.65 3.48
N THR C 45 11.01 29.26 4.75
CA THR C 45 12.33 29.09 5.35
C THR C 45 13.23 28.12 4.56
N PHE C 46 12.59 27.34 3.68
CA PHE C 46 13.29 26.38 2.82
C PHE C 46 13.53 26.91 1.42
N GLY C 47 13.12 28.16 1.18
CA GLY C 47 13.39 28.87 -0.06
C GLY C 47 14.84 28.77 -0.50
N THR C 48 15.71 28.24 0.36
CA THR C 48 17.12 28.06 0.00
C THR C 48 17.68 26.68 0.38
N TRP C 49 16.81 25.75 0.73
CA TRP C 49 17.21 24.41 1.17
C TRP C 49 18.09 23.67 0.15
N ILE C 50 19.07 22.91 0.63
CA ILE C 50 19.95 22.14 -0.27
C ILE C 50 19.99 20.63 0.00
N TYR C 51 19.66 20.23 1.23
CA TYR C 51 19.88 18.84 1.69
C TYR C 51 18.88 17.83 1.13
N SER C 52 19.26 16.55 1.13
CA SER C 52 18.44 15.47 0.58
C SER C 52 16.97 15.57 0.99
N VAL C 53 16.71 15.53 2.29
CA VAL C 53 15.35 15.47 2.84
C VAL C 53 14.39 16.54 2.32
N ASN C 54 13.32 16.06 1.68
CA ASN C 54 12.29 16.89 1.02
C ASN C 54 11.79 18.08 1.85
N LYS C 55 11.50 19.18 1.16
CA LYS C 55 11.09 20.43 1.78
C LYS C 55 9.59 20.53 2.12
N GLU C 56 8.75 19.78 1.41
CA GLU C 56 7.30 19.84 1.61
C GLU C 56 6.83 18.95 2.76
N GLN C 57 7.58 17.88 3.01
CA GLN C 57 7.29 16.95 4.09
C GLN C 57 7.63 17.56 5.43
N LEU C 58 8.88 17.98 5.59
CA LEU C 58 9.32 18.67 6.81
C LEU C 58 8.25 19.67 7.21
N ALA C 59 7.81 20.45 6.24
CA ALA C 59 6.73 21.41 6.43
C ALA C 59 5.46 20.78 7.01
N ARG C 60 4.95 19.73 6.36
CA ARG C 60 3.71 19.07 6.78
C ARG C 60 3.85 18.40 8.14
N ALA C 61 5.08 17.99 8.45
CA ALA C 61 5.40 17.39 9.74
C ALA C 61 5.59 18.44 10.84
N GLY C 62 5.44 19.71 10.47
CA GLY C 62 5.44 20.82 11.41
C GLY C 62 6.78 21.51 11.66
N PHE C 63 7.72 21.34 10.75
CA PHE C 63 9.06 21.89 10.94
C PHE C 63 9.34 23.11 10.07
N TYR C 64 10.05 24.08 10.64
CA TYR C 64 10.66 25.15 9.89
C TYR C 64 12.18 25.01 10.02
N ALA C 65 12.91 25.50 9.01
CA ALA C 65 14.36 25.52 9.06
C ALA C 65 14.81 26.71 9.88
N LEU C 66 15.95 26.59 10.54
CA LEU C 66 16.48 27.68 11.34
C LEU C 66 17.33 28.58 10.45
N GLY C 67 18.54 28.11 10.16
CA GLY C 67 19.50 28.86 9.38
C GLY C 67 20.78 28.06 9.41
N GLU C 68 21.24 27.74 10.62
CA GLU C 68 22.43 26.92 10.80
C GLU C 68 22.24 25.50 10.26
N GLY C 69 23.19 25.06 9.44
CA GLY C 69 23.19 23.73 8.82
C GLY C 69 21.85 23.19 8.38
N ASP C 70 21.59 21.94 8.75
CA ASP C 70 20.33 21.26 8.46
C ASP C 70 19.39 21.29 9.64
N LYS C 71 19.72 22.12 10.64
CA LYS C 71 18.93 22.28 11.86
C LYS C 71 17.52 22.77 11.57
N VAL C 72 16.53 21.99 12.04
CA VAL C 72 15.11 22.31 11.89
C VAL C 72 14.37 22.05 13.20
N LYS C 73 13.21 22.68 13.37
CA LYS C 73 12.53 22.67 14.65
C LYS C 73 11.03 22.66 14.46
N CYS C 74 10.34 21.90 15.33
CA CYS C 74 8.87 21.81 15.33
C CYS C 74 8.27 23.12 15.83
N PHE C 75 6.97 23.31 15.62
CA PHE C 75 6.31 24.53 16.04
C PHE C 75 5.45 24.34 17.29
N HIS C 76 5.06 23.10 17.57
CA HIS C 76 4.12 22.87 18.66
C HIS C 76 4.74 22.24 19.91
N CYS C 77 5.94 21.70 19.76
CA CYS C 77 6.62 21.12 20.90
C CYS C 77 8.03 21.69 20.95
N GLY C 78 8.38 22.46 19.92
CA GLY C 78 9.74 22.97 19.78
C GLY C 78 10.75 21.86 19.79
N GLY C 79 10.54 20.85 18.95
CA GLY C 79 11.49 19.74 18.84
C GLY C 79 12.56 20.07 17.83
N GLY C 80 13.82 19.89 18.22
CA GLY C 80 14.92 20.19 17.33
C GLY C 80 15.46 18.94 16.67
N LEU C 81 15.89 19.06 15.41
CA LEU C 81 16.36 17.92 14.64
C LEU C 81 17.43 18.32 13.63
N THR C 82 18.51 17.56 13.58
CA THR C 82 19.64 17.86 12.71
C THR C 82 20.36 16.58 12.37
N ASP C 83 21.18 16.61 11.31
CA ASP C 83 21.99 15.47 10.87
C ASP C 83 21.14 14.45 10.10
N TRP C 84 20.14 14.97 9.39
CA TRP C 84 19.26 14.18 8.53
C TRP C 84 20.04 13.28 7.57
N LYS C 85 19.95 11.98 7.81
CA LYS C 85 20.49 10.97 6.90
C LYS C 85 19.55 10.82 5.68
N PRO C 86 20.01 10.11 4.61
CA PRO C 86 19.22 10.05 3.36
C PRO C 86 17.99 9.10 3.35
N SER C 87 17.71 8.46 4.48
CA SER C 87 16.62 7.47 4.56
C SER C 87 15.59 7.76 5.66
N GLU C 88 15.70 8.91 6.29
CA GLU C 88 14.88 9.22 7.46
C GLU C 88 13.65 10.04 7.12
N ASP C 89 12.48 9.53 7.50
CA ASP C 89 11.21 10.18 7.21
C ASP C 89 10.79 11.08 8.39
N PRO C 90 10.62 12.39 8.14
CA PRO C 90 10.16 13.42 9.08
C PRO C 90 9.16 12.99 10.15
N TRP C 91 8.04 12.38 9.75
CA TRP C 91 7.04 11.92 10.72
C TRP C 91 7.58 10.85 11.69
N GLU C 92 8.37 9.91 11.16
CA GLU C 92 9.02 8.87 11.96
C GLU C 92 9.95 9.51 12.96
N GLN C 93 10.75 10.47 12.51
CA GLN C 93 11.68 11.17 13.37
C GLN C 93 10.97 12.03 14.42
N HIS C 94 9.84 12.61 14.02
CA HIS C 94 9.04 13.40 14.95
C HIS C 94 8.54 12.53 16.09
N ALA C 95 8.27 11.27 15.79
CA ALA C 95 7.74 10.36 16.79
C ALA C 95 8.85 9.61 17.53
N LYS C 96 9.97 9.38 16.84
CA LYS C 96 11.14 8.74 17.44
C LYS C 96 11.69 9.58 18.59
N TRP C 97 11.63 10.90 18.40
CA TRP C 97 12.26 11.86 19.30
C TRP C 97 11.31 12.71 20.14
N TYR C 98 10.18 13.10 19.58
CA TYR C 98 9.27 13.99 20.31
C TYR C 98 7.85 13.46 20.31
N PRO C 99 7.66 12.25 20.88
CA PRO C 99 6.38 11.54 20.76
C PRO C 99 5.22 12.20 21.48
N GLY C 100 5.51 13.01 22.50
CA GLY C 100 4.47 13.68 23.28
C GLY C 100 3.75 14.78 22.53
N CYS C 101 4.39 15.33 21.51
CA CYS C 101 3.87 16.46 20.74
C CYS C 101 2.38 16.35 20.40
N LYS C 102 1.60 17.31 20.90
CA LYS C 102 0.14 17.25 20.80
C LYS C 102 -0.36 17.41 19.37
N TYR C 103 0.48 18.02 18.54
CA TYR C 103 0.21 18.17 17.10
C TYR C 103 0.31 16.83 16.38
N LEU C 104 1.50 16.21 16.45
CA LEU C 104 1.72 14.84 16.03
C LEU C 104 0.52 13.96 16.41
N LEU C 105 0.22 13.85 17.70
CA LEU C 105 -0.90 13.02 18.15
C LEU C 105 -2.16 13.30 17.38
N GLU C 106 -2.45 14.57 17.14
CA GLU C 106 -3.67 14.94 16.44
C GLU C 106 -3.44 15.02 14.93
N GLN C 107 -2.49 14.23 14.43
CA GLN C 107 -2.31 14.09 13.00
C GLN C 107 -2.21 12.63 12.62
N LYS C 108 -1.78 11.79 13.58
CA LYS C 108 -1.40 10.40 13.28
C LYS C 108 -1.90 9.40 14.32
N GLY C 109 -2.25 9.89 15.52
CA GLY C 109 -2.93 9.08 16.53
C GLY C 109 -2.01 8.22 17.38
N GLN C 110 -2.55 7.72 18.49
CA GLN C 110 -1.80 6.91 19.44
C GLN C 110 -1.11 5.76 18.75
N GLU C 111 -1.83 5.18 17.79
CA GLU C 111 -1.37 4.01 17.09
C GLU C 111 -0.06 4.25 16.32
N TYR C 112 -0.07 5.21 15.40
CA TYR C 112 1.12 5.51 14.63
C TYR C 112 2.34 5.72 15.54
N ILE C 113 2.21 6.62 16.51
CA ILE C 113 3.28 6.96 17.44
C ILE C 113 3.82 5.70 18.11
N ASN C 114 2.94 4.94 18.78
CA ASN C 114 3.35 3.71 19.45
C ASN C 114 4.02 2.73 18.52
N ASN C 115 3.49 2.62 17.31
CA ASN C 115 4.05 1.73 16.29
C ASN C 115 5.48 2.07 15.93
N ILE C 116 5.86 3.33 16.11
CA ILE C 116 7.24 3.72 15.84
C ILE C 116 8.11 3.28 17.01
N HIS C 117 7.53 3.23 18.20
CA HIS C 117 8.30 3.02 19.42
C HIS C 117 8.24 1.57 19.86
N LEU C 118 7.40 0.78 19.20
CA LEU C 118 7.30 -0.64 19.49
C LEU C 118 8.22 -1.46 18.59
N THR C 119 8.84 -0.79 17.63
CA THR C 119 9.44 -1.49 16.49
C THR C 119 10.96 -1.33 16.49
N HIS C 120 11.43 -0.18 16.95
CA HIS C 120 12.79 -0.06 17.48
C HIS C 120 13.01 -1.02 18.64
N SER C 121 11.99 -1.18 19.48
CA SER C 121 12.02 -2.16 20.56
C SER C 121 12.15 -3.56 19.98
N LEU C 122 11.42 -3.81 18.91
CA LEU C 122 11.48 -5.09 18.21
C LEU C 122 12.86 -5.33 17.61
N GLU C 123 13.34 -4.35 16.84
CA GLU C 123 14.70 -4.42 16.30
C GLU C 123 15.77 -4.87 17.29
N GLU C 124 15.75 -4.30 18.50
CA GLU C 124 16.73 -4.65 19.54
C GLU C 124 16.64 -6.12 19.92
N CYS C 125 15.42 -6.59 20.14
CA CYS C 125 15.16 -7.98 20.49
C CYS C 125 15.58 -8.91 19.37
N LEU C 126 15.33 -8.49 18.14
CA LEU C 126 15.67 -9.30 16.98
C LEU C 126 17.16 -9.41 16.72
N VAL C 127 17.93 -8.49 17.30
CA VAL C 127 19.40 -8.58 17.22
C VAL C 127 20.08 -8.74 18.60
N ARG C 128 19.38 -9.36 19.54
CA ARG C 128 20.02 -9.86 20.77
C ARG C 128 20.77 -11.17 20.47
N THR C 129 20.10 -12.24 19.99
CA THR C 129 18.63 -12.36 19.85
C THR C 129 18.01 -12.82 21.18
N THR D 28 -13.09 -9.58 -4.46
CA THR D 28 -12.37 -8.28 -4.35
C THR D 28 -12.84 -7.25 -5.40
N ASN D 29 -13.42 -6.13 -4.95
CA ASN D 29 -13.57 -5.87 -3.52
C ASN D 29 -14.98 -5.46 -3.04
N LEU D 30 -15.83 -6.47 -2.84
CA LEU D 30 -17.17 -6.30 -2.31
C LEU D 30 -17.35 -7.31 -1.20
N PRO D 31 -18.42 -7.20 -0.41
CA PRO D 31 -18.70 -8.24 0.60
C PRO D 31 -18.78 -9.63 -0.01
N ARG D 32 -18.11 -10.59 0.59
CA ARG D 32 -18.16 -11.96 0.10
C ARG D 32 -19.39 -12.68 0.65
N ASN D 33 -20.23 -11.94 1.36
CA ASN D 33 -21.52 -12.45 1.80
C ASN D 33 -22.50 -11.29 1.99
N PRO D 34 -23.00 -10.73 0.87
CA PRO D 34 -23.86 -9.54 0.94
C PRO D 34 -25.16 -9.75 1.74
N SER D 35 -25.55 -11.00 1.95
CA SER D 35 -26.74 -11.28 2.76
C SER D 35 -26.52 -10.93 4.23
N MET D 36 -25.27 -10.94 4.67
CA MET D 36 -24.97 -10.62 6.06
C MET D 36 -24.35 -9.23 6.25
N ALA D 37 -24.49 -8.38 5.23
CA ALA D 37 -23.94 -7.02 5.26
C ALA D 37 -24.48 -6.17 6.40
N ASP D 38 -25.78 -6.24 6.65
CA ASP D 38 -26.43 -5.46 7.71
C ASP D 38 -26.22 -6.05 9.09
N TYR D 39 -25.73 -5.19 10.00
CA TYR D 39 -25.46 -5.55 11.40
C TYR D 39 -26.64 -6.24 12.04
N GLU D 40 -27.85 -5.79 11.73
CA GLU D 40 -29.07 -6.36 12.26
C GLU D 40 -29.24 -7.81 11.83
N ALA D 41 -29.02 -8.06 10.54
CA ALA D 41 -28.94 -9.41 10.02
C ALA D 41 -28.03 -10.28 10.89
N ARG D 42 -26.79 -9.84 11.06
CA ARG D 42 -25.75 -10.62 11.76
C ARG D 42 -26.10 -10.95 13.21
N ILE D 43 -26.87 -10.09 13.84
CA ILE D 43 -27.15 -10.24 15.27
C ILE D 43 -28.20 -11.34 15.51
N PHE D 44 -29.07 -11.53 14.49
CA PHE D 44 -30.07 -12.58 14.52
C PHE D 44 -29.40 -13.94 14.61
N THR D 45 -28.35 -14.11 13.82
CA THR D 45 -27.64 -15.38 13.70
C THR D 45 -27.06 -15.87 15.04
N PHE D 46 -27.22 -15.08 16.09
CA PHE D 46 -26.69 -15.40 17.41
C PHE D 46 -27.75 -15.78 18.46
N GLY D 47 -28.96 -16.14 18.00
CA GLY D 47 -30.03 -16.57 18.91
C GLY D 47 -29.60 -17.58 19.96
N THR D 48 -29.02 -18.69 19.53
CA THR D 48 -28.59 -19.79 20.41
C THR D 48 -27.26 -19.49 21.14
N TRP D 49 -26.72 -18.29 20.95
CA TRP D 49 -25.37 -17.98 21.43
C TRP D 49 -25.24 -18.20 22.93
N ILE D 50 -24.19 -18.90 23.36
CA ILE D 50 -23.98 -19.22 24.77
C ILE D 50 -22.51 -19.19 25.22
N TYR D 51 -21.65 -18.49 24.48
CA TYR D 51 -20.22 -18.51 24.79
C TYR D 51 -19.73 -17.22 25.47
N SER D 52 -18.66 -17.34 26.27
CA SER D 52 -18.11 -16.22 27.04
C SER D 52 -18.03 -14.89 26.27
N VAL D 53 -17.71 -14.95 24.99
CA VAL D 53 -17.48 -13.76 24.18
C VAL D 53 -18.76 -13.09 23.69
N ASN D 54 -18.84 -11.78 23.92
CA ASN D 54 -20.02 -10.96 23.70
C ASN D 54 -20.50 -10.89 22.25
N LYS D 55 -21.76 -11.22 22.04
CA LYS D 55 -22.31 -11.32 20.68
C LYS D 55 -22.38 -10.01 19.91
N GLU D 56 -22.61 -8.90 20.61
CA GLU D 56 -22.71 -7.60 19.96
C GLU D 56 -21.36 -7.19 19.42
N GLN D 57 -20.31 -7.46 20.21
CA GLN D 57 -18.96 -7.21 19.74
C GLN D 57 -18.70 -7.95 18.44
N LEU D 58 -18.93 -9.26 18.45
CA LEU D 58 -18.72 -10.11 17.29
C LEU D 58 -19.47 -9.57 16.08
N ALA D 59 -20.76 -9.28 16.30
CA ALA D 59 -21.63 -8.76 15.25
C ALA D 59 -21.07 -7.48 14.66
N ARG D 60 -20.56 -6.61 15.54
CA ARG D 60 -20.03 -5.30 15.17
C ARG D 60 -18.73 -5.43 14.40
N ALA D 61 -17.92 -6.41 14.81
CA ALA D 61 -16.60 -6.69 14.22
C ALA D 61 -16.71 -7.21 12.79
N GLY D 62 -17.90 -7.69 12.43
CA GLY D 62 -18.19 -8.14 11.06
C GLY D 62 -18.69 -9.57 11.02
N PHE D 63 -18.56 -10.29 12.14
CA PHE D 63 -18.83 -11.72 12.16
C PHE D 63 -20.30 -12.08 12.33
N TYR D 64 -20.65 -13.29 11.89
CA TYR D 64 -21.94 -13.93 12.17
C TYR D 64 -21.68 -15.38 12.54
N ALA D 65 -22.59 -15.97 13.30
CA ALA D 65 -22.44 -17.36 13.74
C ALA D 65 -22.69 -18.34 12.59
N LEU D 66 -21.95 -19.44 12.60
CA LEU D 66 -22.03 -20.40 11.50
C LEU D 66 -23.03 -21.52 11.80
N GLY D 67 -23.26 -21.77 13.08
CA GLY D 67 -24.18 -22.80 13.48
C GLY D 67 -23.46 -24.09 13.82
N GLU D 68 -22.21 -23.95 14.29
CA GLU D 68 -21.54 -25.06 14.98
C GLU D 68 -20.52 -24.51 15.98
N GLY D 69 -20.49 -25.11 17.16
CA GLY D 69 -19.63 -24.62 18.25
C GLY D 69 -19.63 -23.11 18.33
N ASP D 70 -18.46 -22.53 18.56
CA ASP D 70 -18.37 -21.07 18.63
C ASP D 70 -17.89 -20.47 17.32
N LYS D 71 -18.00 -21.23 16.24
CA LYS D 71 -17.41 -20.79 14.98
C LYS D 71 -18.17 -19.63 14.34
N VAL D 72 -17.40 -18.63 13.92
CA VAL D 72 -17.96 -17.44 13.32
C VAL D 72 -17.18 -17.13 12.05
N LYS D 73 -17.78 -16.35 11.16
CA LYS D 73 -17.15 -16.02 9.88
C LYS D 73 -17.49 -14.57 9.52
N CYS D 74 -16.47 -13.81 9.12
CA CYS D 74 -16.65 -12.39 8.75
C CYS D 74 -17.51 -12.22 7.49
N PHE D 75 -18.40 -11.25 7.52
CA PHE D 75 -19.31 -11.06 6.41
C PHE D 75 -18.57 -10.53 5.18
N HIS D 76 -17.49 -9.79 5.40
CA HIS D 76 -16.92 -9.07 4.29
C HIS D 76 -15.77 -9.79 3.62
N CYS D 77 -14.89 -10.40 4.39
CA CYS D 77 -13.74 -11.11 3.82
C CYS D 77 -13.91 -12.63 3.87
N GLY D 78 -14.90 -13.08 4.64
CA GLY D 78 -15.16 -14.52 4.75
C GLY D 78 -14.19 -15.29 5.62
N GLY D 79 -13.50 -14.60 6.53
CA GLY D 79 -12.55 -15.25 7.44
C GLY D 79 -13.22 -15.91 8.65
N GLY D 80 -12.75 -17.09 9.02
CA GLY D 80 -13.39 -17.86 10.07
C GLY D 80 -12.55 -17.99 11.32
N LEU D 81 -13.14 -17.68 12.47
CA LEU D 81 -12.45 -17.84 13.75
C LEU D 81 -13.17 -18.85 14.62
N THR D 82 -12.44 -19.39 15.59
CA THR D 82 -12.93 -20.48 16.45
C THR D 82 -12.15 -20.51 17.74
N ASP D 83 -12.78 -21.03 18.79
CA ASP D 83 -12.13 -21.29 20.08
C ASP D 83 -11.69 -20.01 20.80
N TRP D 84 -12.65 -19.10 20.97
CA TRP D 84 -12.45 -17.87 21.72
C TRP D 84 -12.20 -18.17 23.19
N LYS D 85 -11.06 -17.70 23.71
CA LYS D 85 -10.76 -17.76 25.14
C LYS D 85 -11.54 -16.66 25.87
N PRO D 86 -11.60 -16.70 27.22
CA PRO D 86 -12.56 -15.85 27.92
C PRO D 86 -12.26 -14.35 27.85
N SER D 87 -10.99 -13.98 27.72
CA SER D 87 -10.66 -12.54 27.72
C SER D 87 -10.70 -11.89 26.33
N GLU D 88 -10.58 -12.71 25.30
CA GLU D 88 -10.22 -12.25 23.95
C GLU D 88 -11.22 -11.34 23.25
N ASP D 89 -10.69 -10.41 22.47
CA ASP D 89 -11.46 -9.37 21.82
C ASP D 89 -11.65 -9.67 20.32
N PRO D 90 -12.91 -9.70 19.85
CA PRO D 90 -13.25 -9.85 18.43
C PRO D 90 -12.41 -8.98 17.48
N TRP D 91 -12.46 -7.66 17.65
CA TRP D 91 -11.73 -6.73 16.79
C TRP D 91 -10.23 -7.04 16.69
N GLU D 92 -9.67 -7.61 17.75
CA GLU D 92 -8.24 -7.86 17.82
C GLU D 92 -7.84 -9.07 16.98
N GLN D 93 -8.66 -10.12 17.05
CA GLN D 93 -8.41 -11.37 16.35
C GLN D 93 -8.66 -11.18 14.87
N HIS D 94 -9.71 -10.43 14.55
CA HIS D 94 -10.01 -10.11 13.17
C HIS D 94 -8.78 -9.52 12.51
N ALA D 95 -8.17 -8.56 13.17
CA ALA D 95 -6.97 -7.92 12.68
C ALA D 95 -5.77 -8.88 12.75
N LYS D 96 -5.72 -9.69 13.81
CA LYS D 96 -4.64 -10.66 13.94
C LYS D 96 -4.63 -11.62 12.77
N TRP D 97 -5.77 -12.26 12.52
CA TRP D 97 -5.86 -13.39 11.60
C TRP D 97 -6.15 -13.05 10.13
N TYR D 98 -7.03 -12.09 9.89
CA TYR D 98 -7.32 -11.66 8.53
C TYR D 98 -7.10 -10.15 8.39
N PRO D 99 -5.82 -9.71 8.47
CA PRO D 99 -5.50 -8.29 8.46
C PRO D 99 -5.64 -7.65 7.08
N GLY D 100 -6.04 -8.44 6.09
CA GLY D 100 -6.29 -7.91 4.75
C GLY D 100 -7.73 -7.51 4.48
N CYS D 101 -8.59 -7.74 5.46
CA CYS D 101 -10.02 -7.47 5.34
C CYS D 101 -10.26 -5.98 5.12
N LYS D 102 -11.05 -5.64 4.11
CA LYS D 102 -11.27 -4.21 3.81
C LYS D 102 -12.32 -3.59 4.73
N TYR D 103 -13.15 -4.42 5.34
CA TYR D 103 -14.09 -3.92 6.32
C TYR D 103 -13.30 -3.46 7.53
N LEU D 104 -12.51 -4.39 8.07
CA LEU D 104 -11.58 -4.09 9.14
C LEU D 104 -10.87 -2.76 8.88
N LEU D 105 -10.16 -2.66 7.76
CA LEU D 105 -9.39 -1.48 7.43
C LEU D 105 -10.24 -0.22 7.45
N GLU D 106 -11.45 -0.30 6.89
CA GLU D 106 -12.36 0.84 6.86
C GLU D 106 -12.83 1.22 8.26
N GLN D 107 -13.09 0.23 9.08
CA GLN D 107 -13.59 0.48 10.40
C GLN D 107 -12.48 0.78 11.41
N LYS D 108 -11.28 0.31 11.16
CA LYS D 108 -10.24 0.42 12.19
C LYS D 108 -8.94 1.08 11.74
N GLY D 109 -8.78 1.25 10.43
CA GLY D 109 -7.59 1.89 9.88
C GLY D 109 -6.32 1.07 9.98
N GLN D 110 -5.35 1.43 9.15
CA GLN D 110 -4.11 0.68 8.98
C GLN D 110 -3.22 0.58 10.22
N GLU D 111 -3.04 1.69 10.94
CA GLU D 111 -2.08 1.74 12.06
C GLU D 111 -2.48 0.83 13.21
N TYR D 112 -3.79 0.63 13.36
CA TYR D 112 -4.32 -0.28 14.37
C TYR D 112 -3.88 -1.71 14.08
N ILE D 113 -3.99 -2.08 12.80
CA ILE D 113 -3.64 -3.40 12.33
C ILE D 113 -2.15 -3.61 12.59
N ASN D 114 -1.32 -2.69 12.09
CA ASN D 114 0.12 -2.72 12.33
C ASN D 114 0.39 -2.96 13.81
N ASN D 115 -0.40 -2.30 14.65
CA ASN D 115 -0.25 -2.39 16.09
C ASN D 115 -0.35 -3.81 16.62
N ILE D 116 -1.49 -4.48 16.38
CA ILE D 116 -1.72 -5.85 16.90
C ILE D 116 -0.54 -6.77 16.56
N HIS D 117 -0.16 -6.78 15.29
CA HIS D 117 0.92 -7.60 14.84
C HIS D 117 2.24 -7.27 15.53
N LEU D 118 2.60 -5.98 15.54
CA LEU D 118 3.80 -5.53 16.26
C LEU D 118 3.83 -6.02 17.71
N THR D 119 2.76 -5.73 18.45
CA THR D 119 2.66 -6.13 19.84
C THR D 119 2.91 -7.61 19.92
N HIS D 120 2.17 -8.37 19.12
CA HIS D 120 2.30 -9.80 19.09
C HIS D 120 3.73 -10.26 18.77
N SER D 121 4.35 -9.66 17.75
CA SER D 121 5.68 -10.03 17.32
C SER D 121 6.75 -9.77 18.38
N LEU D 122 6.55 -8.69 19.13
CA LEU D 122 7.53 -8.26 20.14
C LEU D 122 7.53 -9.25 21.32
N GLU D 123 6.32 -9.54 21.82
CA GLU D 123 6.14 -10.49 22.91
C GLU D 123 6.75 -11.83 22.51
N GLU D 124 6.44 -12.26 21.28
CA GLU D 124 6.91 -13.52 20.74
C GLU D 124 8.43 -13.61 20.81
N CYS D 125 9.09 -12.55 20.36
CA CYS D 125 10.55 -12.45 20.39
C CYS D 125 11.09 -12.46 21.82
N LEU D 126 10.34 -11.87 22.74
CA LEU D 126 10.74 -11.76 24.13
C LEU D 126 10.73 -13.08 24.92
N VAL D 127 10.49 -14.19 24.23
CA VAL D 127 10.45 -15.48 24.90
C VAL D 127 11.56 -16.37 24.34
#